data_2PXB
#
_entry.id   2PXB
#
_cell.length_a   130.981
_cell.length_b   78.684
_cell.length_c   32.274
_cell.angle_alpha   90.000
_cell.angle_beta   94.860
_cell.angle_gamma   90.000
#
_symmetry.space_group_name_H-M   'C 1 2 1'
#
loop_
_entity.id
_entity.type
_entity.pdbx_description
1 polymer '4.5 S RNA'
2 polymer 'Signal recognition particle protein'
3 non-polymer 'COBALT HEXAMMINE(III)'
#
loop_
_entity_poly.entity_id
_entity_poly.type
_entity_poly.pdbx_seq_one_letter_code
_entity_poly.pdbx_strand_id
1 'polyribonucleotide' GGUGCUGUUUACCAGGUCAGGUCCGAAAGGAAGCAGCCAAGGCAGUGCC B
2 'polypeptide(L)'
;FDLNDFLEQLRQMKN(MSE)GG(MSE)ASL(MSE)GKLPG(MSE)GQIPDNVKSQ(MSE)DDKVLVR(MSE)EAIINS
(MSE)T(MSE)KERAKPEIIKGSRKRRIAAGSG(MSE)QVQDVNRLLKQFDD(MSE)QR(MSE)(MSE)KK(MSE)
;
A
#
# COMPACT_ATOMS: atom_id res chain seq x y z
N PHE B 1 12.85 0.33 6.35
CA PHE B 1 11.42 0.71 6.52
C PHE B 1 10.57 0.32 5.32
N ASP B 2 9.66 -0.63 5.51
CA ASP B 2 8.80 -1.09 4.42
C ASP B 2 7.32 -0.99 4.80
N LEU B 3 6.46 -1.50 3.92
CA LEU B 3 5.02 -1.46 4.15
C LEU B 3 4.58 -2.24 5.39
N ASN B 4 5.38 -3.20 5.80
CA ASN B 4 5.04 -3.99 6.98
C ASN B 4 5.11 -3.07 8.19
N ASP B 5 6.14 -2.23 8.22
CA ASP B 5 6.33 -1.30 9.31
C ASP B 5 5.21 -0.28 9.26
N PHE B 6 5.08 0.38 8.12
CA PHE B 6 4.05 1.40 7.93
C PHE B 6 2.71 0.88 8.47
N LEU B 7 2.49 -0.42 8.32
CA LEU B 7 1.27 -1.05 8.78
C LEU B 7 1.18 -0.96 10.30
N GLU B 8 2.30 -1.24 10.99
CA GLU B 8 2.34 -1.17 12.44
C GLU B 8 1.59 0.08 12.87
N GLN B 9 1.90 1.17 12.19
CA GLN B 9 1.27 2.47 12.44
C GLN B 9 -0.15 2.50 11.88
N LYS B 43 -10.16 5.41 12.87
CA LYS B 43 -11.03 6.12 11.94
C LYS B 43 -11.04 5.41 10.59
N VAL B 44 -10.33 5.98 9.63
CA VAL B 44 -10.24 5.43 8.28
C VAL B 44 -8.94 4.64 8.16
N LEU B 45 -8.28 4.42 9.29
CA LEU B 45 -7.04 3.66 9.32
C LEU B 45 -7.38 2.20 8.99
N VAL B 46 -8.62 1.82 9.23
CA VAL B 46 -9.06 0.46 8.97
C VAL B 46 -9.12 0.22 7.46
N ARG B 47 -9.33 1.28 6.69
CA ARG B 47 -9.41 1.14 5.24
C ARG B 47 -8.02 1.07 4.62
N GLU B 49 -5.41 -0.45 6.28
CA GLU B 49 -4.93 -1.78 6.62
C GLU B 49 -5.40 -2.69 5.50
N ALA B 50 -6.70 -2.65 5.22
CA ALA B 50 -7.31 -3.48 4.18
C ALA B 50 -6.49 -3.50 2.89
N ILE B 51 -6.07 -2.31 2.44
CA ILE B 51 -5.27 -2.20 1.24
C ILE B 51 -3.94 -2.94 1.40
N ILE B 52 -3.20 -2.63 2.46
CA ILE B 52 -1.93 -3.32 2.68
C ILE B 52 -2.20 -4.81 2.87
N ASN B 53 -3.35 -5.15 3.43
CA ASN B 53 -3.70 -6.57 3.63
C ASN B 53 -4.01 -7.34 2.36
N SER B 54 -4.12 -6.66 1.22
CA SER B 54 -4.41 -7.35 -0.03
C SER B 54 -3.14 -7.58 -0.81
N THR B 56 0.93 -8.99 -1.33
CA THR B 56 1.67 -10.21 -1.07
C THR B 56 2.85 -9.77 -0.19
N LYS B 58 6.13 -10.05 -0.80
CA LYS B 58 7.07 -9.32 -1.63
C LYS B 58 6.68 -7.88 -1.89
N GLU B 59 5.41 -7.62 -2.18
CA GLU B 59 4.95 -6.27 -2.43
C GLU B 59 5.12 -5.40 -1.19
N ARG B 60 4.90 -5.98 -0.03
CA ARG B 60 5.06 -5.22 1.21
C ARG B 60 6.52 -4.92 1.49
N ALA B 61 7.42 -5.81 1.05
CA ALA B 61 8.84 -5.66 1.30
C ALA B 61 9.57 -4.77 0.30
N LYS B 62 9.22 -4.91 -0.97
CA LYS B 62 9.85 -4.15 -2.05
C LYS B 62 8.74 -3.41 -2.82
N PRO B 63 8.05 -2.48 -2.14
CA PRO B 63 6.95 -1.67 -2.69
C PRO B 63 7.05 -1.19 -4.12
N GLU B 64 8.27 -0.94 -4.59
CA GLU B 64 8.45 -0.43 -5.94
C GLU B 64 8.01 -1.38 -7.05
N ILE B 65 7.91 -2.67 -6.74
CA ILE B 65 7.49 -3.63 -7.74
C ILE B 65 6.01 -3.43 -8.05
N ILE B 66 5.33 -2.66 -7.21
CA ILE B 66 3.89 -2.44 -7.38
C ILE B 66 3.51 -1.47 -8.49
N LYS B 67 3.21 -2.03 -9.65
CA LYS B 67 2.80 -1.23 -10.79
C LYS B 67 1.30 -1.40 -11.04
N GLY B 68 0.88 -1.03 -12.25
CA GLY B 68 -0.52 -1.07 -12.63
C GLY B 68 -1.32 -2.32 -12.34
N SER B 69 -0.92 -3.44 -12.94
CA SER B 69 -1.63 -4.69 -12.78
C SER B 69 -1.80 -5.13 -11.33
N ARG B 70 -0.76 -4.91 -10.52
CA ARG B 70 -0.81 -5.29 -9.11
C ARG B 70 -1.74 -4.36 -8.35
N LYS B 71 -1.71 -3.06 -8.67
CA LYS B 71 -2.60 -2.11 -8.01
C LYS B 71 -4.01 -2.57 -8.33
N ARG B 72 -4.25 -2.85 -9.61
CA ARG B 72 -5.55 -3.32 -10.04
C ARG B 72 -6.01 -4.44 -9.10
N ARG B 73 -5.13 -5.42 -8.88
CA ARG B 73 -5.47 -6.56 -8.03
C ARG B 73 -5.76 -6.21 -6.57
N ILE B 74 -4.85 -5.40 -6.00
CA ILE B 74 -4.94 -4.96 -4.62
C ILE B 74 -6.22 -4.17 -4.35
N ALA B 75 -6.45 -3.12 -5.14
CA ALA B 75 -7.64 -2.30 -5.00
C ALA B 75 -8.92 -3.15 -5.03
N ALA B 76 -9.08 -3.98 -6.05
CA ALA B 76 -10.26 -4.82 -6.13
C ALA B 76 -10.30 -5.81 -4.94
N GLY B 77 -9.12 -6.28 -4.54
CA GLY B 77 -9.05 -7.24 -3.45
C GLY B 77 -9.45 -6.68 -2.10
N SER B 78 -9.39 -5.36 -1.98
CA SER B 78 -9.76 -4.69 -0.73
C SER B 78 -10.97 -3.77 -0.94
N GLY B 79 -11.85 -4.14 -1.87
CA GLY B 79 -13.03 -3.34 -2.16
C GLY B 79 -12.74 -1.86 -2.26
N GLN B 81 -10.19 1.21 -4.71
CA GLN B 81 -9.98 1.65 -6.08
C GLN B 81 -8.54 2.08 -6.22
N VAL B 82 -7.99 1.91 -7.41
CA VAL B 82 -6.59 2.25 -7.63
C VAL B 82 -6.18 3.61 -7.08
N GLN B 83 -7.04 4.61 -7.22
CA GLN B 83 -6.73 5.94 -6.70
C GLN B 83 -6.51 5.86 -5.18
N ASP B 84 -7.27 4.98 -4.53
CA ASP B 84 -7.15 4.77 -3.09
C ASP B 84 -5.75 4.19 -2.84
N VAL B 85 -5.43 3.13 -3.56
CA VAL B 85 -4.15 2.47 -3.44
C VAL B 85 -2.99 3.43 -3.63
N ASN B 86 -3.06 4.20 -4.71
CA ASN B 86 -2.02 5.18 -5.02
C ASN B 86 -1.86 6.15 -3.87
N ARG B 87 -2.98 6.57 -3.28
CA ARG B 87 -2.92 7.51 -2.16
C ARG B 87 -2.13 6.85 -1.03
N LEU B 88 -2.50 5.63 -0.69
CA LEU B 88 -1.84 4.87 0.37
C LEU B 88 -0.35 4.73 0.05
N LEU B 89 -0.05 4.36 -1.19
CA LEU B 89 1.34 4.21 -1.62
C LEU B 89 2.10 5.52 -1.49
N LYS B 90 1.40 6.62 -1.73
CA LYS B 90 1.99 7.95 -1.63
C LYS B 90 2.26 8.32 -0.18
N GLN B 91 1.33 7.98 0.70
CA GLN B 91 1.51 8.27 2.12
C GLN B 91 2.69 7.49 2.67
N PHE B 92 2.80 6.23 2.26
CA PHE B 92 3.91 5.40 2.70
C PHE B 92 5.21 6.04 2.21
N ASP B 93 5.20 6.44 0.94
CA ASP B 93 6.35 7.06 0.32
C ASP B 93 6.88 8.23 1.14
N ASP B 94 6.02 9.20 1.44
CA ASP B 94 6.42 10.36 2.22
C ASP B 94 6.93 9.94 3.60
N GLN B 96 8.50 7.17 4.12
CA GLN B 96 9.80 6.59 3.85
C GLN B 96 10.79 7.73 3.67
N ARG B 97 10.58 8.53 2.62
CA ARG B 97 11.45 9.67 2.33
C ARG B 97 11.78 10.45 3.59
N LYS B 100 14.06 8.44 5.41
CA LYS B 100 15.22 8.22 4.55
C LYS B 100 15.98 9.54 4.51
N LYS B 101 15.78 10.33 5.57
CA LYS B 101 16.43 11.64 5.74
C LYS B 101 16.60 11.86 7.24
#